data_5Z0K
#
_entry.id   5Z0K
#
_cell.length_a   65.180
_cell.length_b   97.600
_cell.length_c   54.960
_cell.angle_alpha   90.00
_cell.angle_beta   90.00
_cell.angle_gamma   90.00
#
_symmetry.space_group_name_H-M   'P 21 21 2'
#
loop_
_entity.id
_entity.type
_entity.pdbx_description
1 polymer Tyrosinase
2 polymer MelC
3 non-polymer 'COPPER (II) ION'
4 non-polymer 'PEROXIDE ION'
5 non-polymer 'NITRATE ION'
6 water water
#
loop_
_entity_poly.entity_id
_entity_poly.type
_entity_poly.pdbx_seq_one_letter_code
_entity_poly.pdbx_strand_id
1 'polypeptide(L)'
;MTVRKNQATLTADEKRRFVAAVLELKRSGRYDEFVRTHNEFIMSDTDSGERTGHRSPSFLPWHRRFLLDFEQALQSVDSS
VTLPYWDWSADRTVRASLWAPDFLGGTGRSTDGRVMDGPFAASTGNWPINVRVDSRTYLRRSLGGSVAELPTRAEVESVL
AISAYDLPPYNSASEGFRNHLEGWRGVNLHNRVHVWVGGQMATGVSPNDPVFWLHHAYVDKLWAEWQRRHPDSAYVPTGG
TPDVVDLNETMKPWNTVRPADLLDHTAYYTFDALEHHHHHH
;
A
2 'polypeptide(L)'
;MPEITRRRALTAAAAVAATASAAVTLAAPAASAAGHHEPAAPESFDEVYKGRRIQGRPAGGGAHHHEHGGGYEVFVDGVQ
LHVMRNADGSWISVVSH(DAH)DPVPTPRAAARAAVDELQGAPLLPFPANLEHHHHHH
;
B
#
loop_
_chem_comp.id
_chem_comp.type
_chem_comp.name
_chem_comp.formula
CU non-polymer 'COPPER (II) ION' 'Cu 2'
NO3 non-polymer 'NITRATE ION' 'N O3 -1'
PER non-polymer 'PEROXIDE ION' 'O2 -2'
#
# COMPACT_ATOMS: atom_id res chain seq x y z
N THR A 2 -15.98 14.50 11.73
CA THR A 2 -15.48 13.89 10.52
C THR A 2 -16.00 12.46 10.41
N VAL A 3 -16.80 12.10 9.42
CA VAL A 3 -17.23 10.72 9.34
C VAL A 3 -16.67 10.10 8.07
N ARG A 4 -16.00 8.98 8.24
CA ARG A 4 -15.49 8.20 7.07
C ARG A 4 -16.54 7.22 6.62
N LYS A 5 -16.92 7.32 5.37
CA LYS A 5 -18.02 6.51 4.84
C LYS A 5 -17.59 5.47 3.86
N ASN A 6 -18.35 4.37 3.75
CA ASN A 6 -18.08 3.34 2.74
C ASN A 6 -18.24 4.01 1.38
N GLN A 7 -17.24 3.88 0.51
CA GLN A 7 -17.31 4.48 -0.80
C GLN A 7 -18.62 4.20 -1.55
N ALA A 8 -19.13 2.99 -1.34
CA ALA A 8 -20.34 2.54 -2.06
C ALA A 8 -21.55 3.39 -1.71
N THR A 9 -21.46 4.12 -0.60
CA THR A 9 -22.59 4.90 -0.11
C THR A 9 -22.55 6.37 -0.42
N LEU A 10 -21.49 6.86 -1.10
CA LEU A 10 -21.34 8.26 -1.37
C LEU A 10 -22.40 8.75 -2.34
N THR A 11 -22.85 9.97 -2.11
CA THR A 11 -23.75 10.55 -3.11
C THR A 11 -22.96 11.02 -4.35
N ALA A 12 -23.67 11.34 -5.44
CA ALA A 12 -23.00 11.87 -6.63
C ALA A 12 -22.21 13.12 -6.26
N ASP A 13 -22.80 13.99 -5.42
CA ASP A 13 -22.07 15.22 -5.07
C ASP A 13 -20.84 14.95 -4.21
N GLU A 14 -20.94 13.98 -3.30
CA GLU A 14 -19.74 13.66 -2.50
C GLU A 14 -18.65 13.08 -3.38
N LYS A 15 -18.98 12.24 -4.35
CA LYS A 15 -17.94 11.74 -5.29
C LYS A 15 -17.32 12.91 -6.04
N ARG A 16 -18.15 13.83 -6.55
CA ARG A 16 -17.63 14.97 -7.28
C ARG A 16 -16.67 15.76 -6.42
N ARG A 17 -17.05 15.98 -5.17
CA ARG A 17 -16.18 16.86 -4.35
C ARG A 17 -14.90 16.16 -3.96
N PHE A 18 -14.94 14.87 -3.67
CA PHE A 18 -13.69 14.13 -3.38
C PHE A 18 -12.75 14.16 -4.59
N VAL A 19 -13.25 13.84 -5.78
CA VAL A 19 -12.43 13.84 -6.97
C VAL A 19 -11.80 15.21 -7.15
N ALA A 20 -12.59 16.28 -7.05
CA ALA A 20 -12.02 17.58 -7.30
C ALA A 20 -10.95 17.90 -6.26
N ALA A 21 -11.14 17.54 -5.01
CA ALA A 21 -10.14 17.87 -4.00
C ALA A 21 -8.83 17.10 -4.27
N VAL A 22 -8.95 15.84 -4.68
CA VAL A 22 -7.75 15.04 -4.99
C VAL A 22 -7.06 15.66 -6.18
N LEU A 23 -7.77 16.05 -7.23
CA LEU A 23 -7.14 16.64 -8.42
C LEU A 23 -6.48 17.94 -8.08
N GLU A 24 -7.04 18.73 -7.17
CA GLU A 24 -6.35 19.98 -6.80
C GLU A 24 -5.07 19.73 -6.04
N LEU A 25 -5.05 18.73 -5.13
CA LEU A 25 -3.82 18.36 -4.45
C LEU A 25 -2.76 17.91 -5.47
N LYS A 26 -3.22 17.19 -6.50
CA LYS A 26 -2.24 16.86 -7.54
C LYS A 26 -1.74 18.08 -8.27
N ARG A 27 -2.60 18.97 -8.71
CA ARG A 27 -2.21 20.12 -9.49
C ARG A 27 -1.21 20.98 -8.73
N SER A 28 -1.42 21.11 -7.43
CA SER A 28 -0.58 22.02 -6.64
C SER A 28 0.75 21.41 -6.28
N GLY A 29 0.95 20.12 -6.54
CA GLY A 29 2.24 19.50 -6.27
C GLY A 29 2.28 18.79 -4.93
N ARG A 30 1.24 18.99 -4.10
CA ARG A 30 1.20 18.38 -2.79
C ARG A 30 0.99 16.88 -2.88
N TYR A 31 0.15 16.40 -3.80
CA TYR A 31 -0.11 14.96 -3.84
C TYR A 31 1.15 14.15 -4.04
N ASP A 32 2.00 14.59 -4.96
CA ASP A 32 3.19 13.76 -5.28
C ASP A 32 4.11 13.58 -4.10
N GLU A 33 4.13 14.56 -3.17
CA GLU A 33 4.97 14.39 -1.99
C GLU A 33 4.45 13.31 -1.05
N PHE A 34 3.16 13.02 -1.02
CA PHE A 34 2.68 11.86 -0.29
C PHE A 34 3.15 10.58 -0.97
N VAL A 35 3.15 10.53 -2.29
CA VAL A 35 3.66 9.35 -2.99
C VAL A 35 5.12 9.14 -2.63
N ARG A 36 5.89 10.22 -2.64
CA ARG A 36 7.33 10.15 -2.37
C ARG A 36 7.60 9.67 -0.95
N THR A 37 6.86 10.21 0.03
CA THR A 37 7.06 9.75 1.42
C THR A 37 6.80 8.28 1.57
N HIS A 38 5.70 7.79 1.01
CA HIS A 38 5.41 6.36 1.14
C HIS A 38 6.51 5.52 0.50
N ASN A 39 6.95 5.88 -0.69
CA ASN A 39 8.04 5.12 -1.33
C ASN A 39 9.32 5.13 -0.56
N GLU A 40 9.67 6.27 0.05
CA GLU A 40 10.90 6.28 0.85
C GLU A 40 10.82 5.30 2.02
N PHE A 41 9.66 5.25 2.71
CA PHE A 41 9.55 4.32 3.82
C PHE A 41 9.51 2.89 3.34
N ILE A 42 8.77 2.59 2.28
CA ILE A 42 8.74 1.17 1.93
CA ILE A 42 8.73 1.26 1.72
C ILE A 42 10.11 0.72 1.45
N MET A 43 10.91 1.61 0.89
CA MET A 43 12.25 1.19 0.50
C MET A 43 13.15 1.05 1.70
N SER A 44 12.89 1.74 2.83
CA SER A 44 13.86 1.70 3.93
C SER A 44 13.47 0.72 5.03
N ASP A 45 12.21 0.35 5.17
CA ASP A 45 11.66 -0.51 6.22
C ASP A 45 12.15 -1.93 5.92
N THR A 46 13.04 -2.50 6.72
CA THR A 46 13.54 -3.85 6.52
C THR A 46 13.32 -4.72 7.75
N ASP A 47 13.20 -6.04 7.56
CA ASP A 47 12.88 -6.95 8.66
C ASP A 47 13.97 -7.11 9.73
N SER A 48 15.19 -6.82 9.32
CA SER A 48 16.34 -6.97 10.22
C SER A 48 16.89 -5.65 10.69
N GLY A 49 16.21 -4.54 10.40
CA GLY A 49 16.72 -3.21 10.68
C GLY A 49 15.55 -2.30 11.04
N GLU A 50 15.83 -1.01 11.05
CA GLU A 50 14.79 -0.05 11.39
C GLU A 50 13.57 -0.22 10.48
N ARG A 51 12.38 -0.19 11.10
CA ARG A 51 11.16 -0.42 10.31
C ARG A 51 10.04 0.31 10.99
N THR A 52 9.33 1.12 10.22
CA THR A 52 8.33 2.01 10.80
C THR A 52 7.02 1.96 10.04
N GLY A 53 7.00 2.14 8.73
CA GLY A 53 5.75 2.27 8.00
C GLY A 53 5.12 0.96 7.63
N HIS A 54 5.89 -0.12 7.48
CA HIS A 54 5.51 -1.40 6.95
CA HIS A 54 5.41 -1.40 7.01
C HIS A 54 6.16 -2.46 7.81
N ARG A 55 5.77 -3.71 7.65
CA ARG A 55 6.40 -4.91 8.17
C ARG A 55 6.82 -4.78 9.63
N SER A 56 5.96 -4.17 10.45
CA SER A 56 6.28 -3.84 11.83
C SER A 56 5.00 -3.38 12.53
N PRO A 57 4.98 -3.38 13.87
CA PRO A 57 3.77 -3.04 14.60
C PRO A 57 3.24 -1.66 14.26
N SER A 58 4.14 -0.74 13.92
CA SER A 58 3.69 0.63 13.64
C SER A 58 3.07 0.75 12.23
N PHE A 59 3.00 -0.33 11.46
CA PHE A 59 2.26 -0.28 10.17
C PHE A 59 0.88 0.36 10.30
N LEU A 60 0.17 0.02 11.34
CA LEU A 60 -1.20 0.53 11.46
C LEU A 60 -1.23 1.95 11.98
N PRO A 61 -0.60 2.35 13.09
CA PRO A 61 -0.64 3.78 13.45
C PRO A 61 0.07 4.68 12.44
N TRP A 62 1.14 4.18 11.81
CA TRP A 62 1.79 4.99 10.79
C TRP A 62 0.86 5.29 9.62
N HIS A 63 0.18 4.26 9.08
CA HIS A 63 -0.76 4.58 7.99
C HIS A 63 -1.94 5.37 8.53
N ARG A 64 -2.33 5.22 9.80
CA ARG A 64 -3.44 6.04 10.32
C ARG A 64 -3.06 7.52 10.26
N ARG A 65 -1.82 7.84 10.72
CA ARG A 65 -1.36 9.21 10.70
C ARG A 65 -1.12 9.70 9.26
N PHE A 66 -0.58 8.85 8.39
CA PHE A 66 -0.39 9.27 6.98
C PHE A 66 -1.71 9.60 6.31
N LEU A 67 -2.74 8.78 6.53
CA LEU A 67 -4.08 9.07 6.00
C LEU A 67 -4.66 10.32 6.63
N LEU A 68 -4.41 10.56 7.94
CA LEU A 68 -4.89 11.83 8.52
C LEU A 68 -4.23 13.02 7.84
N ASP A 69 -2.94 12.93 7.53
CA ASP A 69 -2.26 14.02 6.84
C ASP A 69 -2.95 14.28 5.50
N PHE A 70 -3.23 13.17 4.81
CA PHE A 70 -3.84 13.35 3.46
C PHE A 70 -5.24 13.87 3.56
N GLU A 71 -6.04 13.38 4.51
CA GLU A 71 -7.40 13.91 4.69
C GLU A 71 -7.37 15.36 5.05
N GLN A 72 -6.45 15.82 5.92
CA GLN A 72 -6.40 17.23 6.30
C GLN A 72 -6.01 18.06 5.09
N ALA A 73 -5.14 17.52 4.22
CA ALA A 73 -4.82 18.23 2.97
C ALA A 73 -6.07 18.33 2.11
N LEU A 74 -6.84 17.23 1.95
CA LEU A 74 -8.06 17.37 1.18
C LEU A 74 -8.99 18.41 1.79
N GLN A 75 -9.09 18.42 3.13
CA GLN A 75 -10.01 19.37 3.76
C GLN A 75 -9.56 20.81 3.64
N SER A 76 -8.27 21.05 3.38
CA SER A 76 -7.77 22.40 3.11
C SER A 76 -8.26 22.91 1.75
N VAL A 77 -8.63 21.99 0.86
CA VAL A 77 -9.19 22.38 -0.43
C VAL A 77 -10.71 22.48 -0.29
N ASP A 78 -11.35 21.48 0.32
CA ASP A 78 -12.80 21.44 0.48
C ASP A 78 -13.10 20.85 1.85
N SER A 79 -13.58 21.65 2.77
CA SER A 79 -13.70 21.17 4.16
C SER A 79 -14.75 20.11 4.33
N SER A 80 -15.63 19.87 3.39
CA SER A 80 -16.65 18.83 3.53
C SER A 80 -16.12 17.45 3.19
N VAL A 81 -14.94 17.38 2.56
CA VAL A 81 -14.44 16.09 2.10
C VAL A 81 -13.81 15.28 3.21
N THR A 82 -14.14 13.99 3.25
CA THR A 82 -13.48 13.05 4.15
C THR A 82 -13.03 11.85 3.31
N LEU A 83 -12.14 11.04 3.88
CA LEU A 83 -11.68 9.85 3.15
C LEU A 83 -12.75 8.77 3.21
N PRO A 84 -13.18 8.24 2.09
CA PRO A 84 -14.04 7.08 2.10
C PRO A 84 -13.20 5.81 2.21
N TYR A 85 -13.87 4.71 2.51
CA TYR A 85 -13.16 3.43 2.59
C TYR A 85 -13.78 2.43 1.60
N TRP A 86 -12.94 1.53 1.14
CA TRP A 86 -13.33 0.50 0.20
C TRP A 86 -13.34 -0.83 0.93
N ASP A 87 -14.55 -1.35 1.20
CA ASP A 87 -14.66 -2.73 1.73
C ASP A 87 -14.54 -3.69 0.56
N TRP A 88 -13.32 -4.15 0.34
CA TRP A 88 -13.01 -5.07 -0.77
C TRP A 88 -13.52 -6.46 -0.47
N SER A 89 -13.92 -6.79 0.76
CA SER A 89 -14.59 -8.07 0.94
C SER A 89 -15.99 -8.07 0.35
N ALA A 90 -16.62 -6.94 0.18
CA ALA A 90 -17.98 -6.81 -0.32
C ALA A 90 -17.99 -6.35 -1.78
N ASP A 91 -17.22 -5.30 -2.04
CA ASP A 91 -17.16 -4.74 -3.41
C ASP A 91 -15.95 -5.30 -4.15
N ARG A 92 -16.13 -6.55 -4.65
CA ARG A 92 -14.99 -7.40 -5.02
C ARG A 92 -14.86 -7.70 -6.49
N THR A 93 -15.61 -7.02 -7.34
CA THR A 93 -15.52 -7.26 -8.77
C THR A 93 -15.28 -5.93 -9.47
N VAL A 94 -14.95 -6.04 -10.73
CA VAL A 94 -14.65 -4.81 -11.48
C VAL A 94 -15.91 -4.04 -11.77
N ARG A 95 -17.08 -4.58 -11.46
CA ARG A 95 -18.34 -3.91 -11.68
C ARG A 95 -18.74 -3.00 -10.53
N ALA A 96 -17.98 -3.04 -9.44
CA ALA A 96 -18.20 -2.18 -8.31
C ALA A 96 -18.28 -0.73 -8.75
N SER A 97 -19.18 0.02 -8.15
CA SER A 97 -19.31 1.43 -8.55
C SER A 97 -18.03 2.21 -8.31
N LEU A 98 -17.15 1.76 -7.43
CA LEU A 98 -15.89 2.39 -7.16
C LEU A 98 -15.11 2.67 -8.43
N TRP A 99 -15.22 1.75 -9.36
CA TRP A 99 -14.48 1.68 -10.60
C TRP A 99 -15.21 2.23 -11.83
N ALA A 100 -16.30 2.97 -11.57
CA ALA A 100 -17.06 3.66 -12.58
C ALA A 100 -16.36 4.93 -13.02
N PRO A 101 -16.68 5.45 -14.20
CA PRO A 101 -16.01 6.67 -14.68
C PRO A 101 -16.32 7.91 -13.82
N ASP A 102 -17.34 7.91 -12.97
CA ASP A 102 -17.59 9.07 -12.13
C ASP A 102 -16.82 9.06 -10.82
N PHE A 103 -16.04 8.03 -10.61
CA PHE A 103 -15.36 7.89 -9.30
C PHE A 103 -13.88 7.63 -9.57
N LEU A 104 -13.44 6.37 -9.59
CA LEU A 104 -12.00 6.16 -9.79
C LEU A 104 -11.64 5.73 -11.20
N GLY A 105 -12.60 5.47 -12.06
CA GLY A 105 -12.27 4.86 -13.36
C GLY A 105 -11.99 3.38 -13.19
N GLY A 106 -11.90 2.65 -14.29
CA GLY A 106 -11.85 1.21 -14.31
C GLY A 106 -10.47 0.59 -14.39
N THR A 107 -10.43 -0.65 -14.88
CA THR A 107 -9.15 -1.33 -15.10
C THR A 107 -8.42 -0.78 -16.30
N GLY A 108 -7.14 -1.13 -16.41
CA GLY A 108 -6.36 -0.70 -17.53
C GLY A 108 -6.56 -1.60 -18.75
N ARG A 109 -6.36 -1.03 -19.93
CA ARG A 109 -6.43 -1.83 -21.13
C ARG A 109 -5.29 -2.87 -21.13
N SER A 110 -5.48 -3.96 -21.89
CA SER A 110 -4.54 -5.09 -21.74
C SER A 110 -3.19 -4.82 -22.38
N THR A 111 -3.11 -3.98 -23.42
CA THR A 111 -1.79 -3.81 -24.05
C THR A 111 -0.76 -3.26 -23.06
N ASP A 112 -1.13 -2.25 -22.32
CA ASP A 112 -0.11 -1.54 -21.51
C ASP A 112 -0.60 -1.15 -20.13
N GLY A 113 -1.73 -1.69 -19.74
CA GLY A 113 -2.29 -1.45 -18.42
C GLY A 113 -2.89 -0.06 -18.26
N ARG A 114 -2.97 0.76 -19.30
CA ARG A 114 -3.37 2.14 -19.15
C ARG A 114 -4.85 2.28 -18.79
N VAL A 115 -5.10 3.02 -17.71
CA VAL A 115 -6.51 3.32 -17.38
C VAL A 115 -7.03 4.27 -18.41
N MET A 116 -8.20 4.00 -18.97
CA MET A 116 -8.74 4.78 -20.11
C MET A 116 -9.95 5.63 -19.75
N ASP A 117 -10.49 5.50 -18.54
CA ASP A 117 -11.67 6.33 -18.24
C ASP A 117 -11.57 6.84 -16.82
N GLY A 118 -12.56 7.62 -16.40
CA GLY A 118 -12.51 8.21 -15.06
C GLY A 118 -11.65 9.47 -15.03
N PRO A 119 -11.62 10.15 -13.88
CA PRO A 119 -10.97 11.43 -13.72
C PRO A 119 -9.44 11.32 -13.71
N PHE A 120 -8.90 10.13 -13.54
CA PHE A 120 -7.45 9.95 -13.34
C PHE A 120 -6.82 9.31 -14.56
N ALA A 121 -7.61 9.09 -15.61
CA ALA A 121 -7.03 8.62 -16.87
C ALA A 121 -6.02 9.61 -17.41
N ALA A 122 -4.93 9.07 -17.95
CA ALA A 122 -3.88 9.94 -18.45
C ALA A 122 -4.41 10.92 -19.51
N SER A 123 -5.33 10.49 -20.33
CA SER A 123 -5.85 11.33 -21.40
C SER A 123 -6.48 12.62 -20.93
N THR A 124 -6.89 12.67 -19.67
CA THR A 124 -7.53 13.90 -19.17
C THR A 124 -6.54 15.03 -19.02
N GLY A 125 -5.25 14.73 -18.96
CA GLY A 125 -4.23 15.70 -18.68
C GLY A 125 -4.13 16.03 -17.19
N ASN A 126 -4.95 15.42 -16.33
CA ASN A 126 -5.02 15.84 -14.94
C ASN A 126 -4.29 14.90 -13.99
N TRP A 127 -3.67 13.83 -14.46
CA TRP A 127 -3.07 12.88 -13.52
C TRP A 127 -1.74 12.34 -14.03
N PRO A 128 -0.75 13.23 -14.16
CA PRO A 128 0.61 12.75 -14.55
C PRO A 128 1.20 11.89 -13.46
N ILE A 129 1.83 10.77 -13.84
CA ILE A 129 2.60 9.98 -12.88
C ILE A 129 4.05 10.48 -12.90
N ASN A 130 4.38 11.22 -11.87
CA ASN A 130 5.68 11.91 -11.76
C ASN A 130 6.63 11.15 -10.85
N VAL A 131 6.16 10.66 -9.73
CA VAL A 131 6.97 9.91 -8.77
C VAL A 131 6.86 8.46 -9.18
N ARG A 132 7.95 7.94 -9.77
CA ARG A 132 7.84 6.65 -10.47
C ARG A 132 9.18 5.93 -10.50
N VAL A 133 9.04 4.64 -10.80
CA VAL A 133 10.23 3.81 -10.91
C VAL A 133 10.18 3.23 -12.33
C VAL A 133 10.56 3.47 -12.35
N ASP A 134 9.06 2.59 -12.63
N ASP A 134 9.83 4.01 -13.33
CA ASP A 134 8.60 2.30 -13.98
CA ASP A 134 10.11 3.64 -14.73
C ASP A 134 8.53 3.62 -14.73
C ASP A 134 9.62 4.77 -15.64
N SER A 135 9.20 3.78 -15.87
N SER A 135 9.75 4.66 -16.95
CA SER A 135 9.27 5.12 -16.49
CA SER A 135 9.46 5.75 -17.88
C SER A 135 7.96 5.62 -17.04
C SER A 135 7.97 6.06 -18.03
N ARG A 136 6.96 4.75 -17.22
N ARG A 136 7.12 5.13 -17.58
CA ARG A 136 5.72 5.26 -17.85
CA ARG A 136 5.69 5.26 -17.85
C ARG A 136 5.02 6.31 -17.00
N THR A 137 4.32 7.25 -17.64
CA THR A 137 3.75 8.38 -16.87
C THR A 137 2.23 8.38 -16.80
N TYR A 138 1.63 7.26 -17.05
CA TYR A 138 0.16 7.13 -17.04
C TYR A 138 -0.29 6.17 -15.97
N LEU A 139 -1.47 6.45 -15.40
CA LEU A 139 -2.02 5.53 -14.40
C LEU A 139 -2.29 4.18 -15.03
N ARG A 140 -1.89 3.09 -14.36
CA ARG A 140 -2.11 1.75 -14.81
C ARG A 140 -2.79 0.92 -13.72
N ARG A 141 -3.58 -0.04 -14.17
CA ARG A 141 -4.20 -1.03 -13.28
C ARG A 141 -4.44 -2.32 -14.08
N SER A 142 -4.51 -3.43 -13.37
CA SER A 142 -4.95 -4.69 -13.99
C SER A 142 -5.81 -5.39 -12.95
N LEU A 143 -7.03 -4.95 -12.79
CA LEU A 143 -7.82 -5.47 -11.66
C LEU A 143 -8.03 -6.98 -11.82
N GLY A 144 -7.57 -7.71 -10.81
CA GLY A 144 -7.68 -9.14 -10.82
C GLY A 144 -6.69 -9.82 -11.75
N GLY A 145 -5.65 -9.13 -12.21
CA GLY A 145 -4.69 -9.68 -13.17
C GLY A 145 -3.64 -10.60 -12.59
N SER A 146 -3.03 -10.19 -11.49
CA SER A 146 -1.91 -10.91 -10.88
C SER A 146 -2.35 -11.82 -9.73
N VAL A 147 -3.55 -11.62 -9.23
CA VAL A 147 -4.08 -12.56 -8.21
C VAL A 147 -5.56 -12.68 -8.45
N ALA A 148 -6.15 -13.86 -8.24
CA ALA A 148 -7.49 -14.05 -8.82
C ALA A 148 -8.60 -13.49 -7.96
N GLU A 149 -8.42 -13.38 -6.64
CA GLU A 149 -9.52 -12.95 -5.80
C GLU A 149 -9.13 -11.99 -4.68
N LEU A 150 -9.99 -11.01 -4.43
CA LEU A 150 -9.88 -10.19 -3.21
C LEU A 150 -10.25 -11.02 -1.99
N PRO A 151 -9.80 -10.60 -0.82
CA PRO A 151 -10.17 -11.36 0.37
C PRO A 151 -11.69 -11.41 0.53
N THR A 152 -12.15 -12.51 1.11
CA THR A 152 -13.56 -12.65 1.42
C THR A 152 -13.84 -12.25 2.87
N ARG A 153 -15.11 -12.07 3.21
CA ARG A 153 -15.45 -11.68 4.59
C ARG A 153 -15.03 -12.76 5.57
N ALA A 154 -15.17 -14.02 5.16
CA ALA A 154 -14.78 -15.10 6.11
C ALA A 154 -13.29 -15.03 6.34
N GLU A 155 -12.52 -14.67 5.31
CA GLU A 155 -11.08 -14.55 5.57
C GLU A 155 -10.73 -13.43 6.51
N VAL A 156 -11.42 -12.31 6.30
CA VAL A 156 -11.22 -11.14 7.16
C VAL A 156 -11.56 -11.50 8.60
N GLU A 157 -12.68 -12.19 8.79
CA GLU A 157 -13.11 -12.58 10.13
C GLU A 157 -12.09 -13.44 10.83
N SER A 158 -11.44 -14.35 10.11
CA SER A 158 -10.39 -15.23 10.68
C SER A 158 -9.28 -14.36 11.24
N VAL A 159 -8.91 -13.29 10.49
CA VAL A 159 -7.85 -12.41 11.00
C VAL A 159 -8.31 -11.56 12.17
N LEU A 160 -9.53 -11.04 12.11
CA LEU A 160 -10.05 -10.25 13.21
C LEU A 160 -10.14 -11.01 14.52
N ALA A 161 -10.29 -12.33 14.41
CA ALA A 161 -10.34 -13.18 15.60
C ALA A 161 -9.00 -13.31 16.32
N ILE A 162 -7.90 -12.92 15.66
CA ILE A 162 -6.61 -13.09 16.33
C ILE A 162 -6.46 -12.10 17.48
N SER A 163 -6.15 -12.59 18.69
CA SER A 163 -6.18 -11.71 19.88
C SER A 163 -4.92 -10.90 20.08
N ALA A 164 -3.75 -11.41 19.76
CA ALA A 164 -2.54 -10.62 19.98
C ALA A 164 -2.30 -9.61 18.86
N TYR A 165 -2.01 -8.37 19.23
CA TYR A 165 -1.82 -7.30 18.24
C TYR A 165 -0.65 -7.63 17.34
N ASP A 166 0.46 -7.97 17.97
CA ASP A 166 1.69 -8.27 17.21
C ASP A 166 2.54 -9.17 18.12
N LEU A 167 3.55 -9.78 17.55
CA LEU A 167 4.43 -10.66 18.32
C LEU A 167 5.89 -10.53 17.87
N PRO A 168 6.81 -10.75 18.79
CA PRO A 168 8.22 -10.87 18.41
C PRO A 168 8.32 -11.87 17.25
N PRO A 169 9.12 -11.66 16.22
CA PRO A 169 10.10 -10.59 16.09
C PRO A 169 9.58 -9.31 15.46
N TYR A 170 8.28 -9.07 15.47
CA TYR A 170 7.76 -7.75 15.05
C TYR A 170 8.18 -7.34 13.65
N ASN A 171 8.03 -8.34 12.74
CA ASN A 171 8.38 -8.08 11.35
C ASN A 171 7.52 -8.93 10.43
N SER A 172 7.95 -9.13 9.19
CA SER A 172 7.11 -9.88 8.25
C SER A 172 7.00 -11.34 8.62
N ALA A 173 7.79 -11.84 9.61
CA ALA A 173 7.65 -13.24 9.99
C ALA A 173 6.70 -13.39 11.17
N SER A 174 6.14 -12.32 11.72
CA SER A 174 5.35 -12.49 12.93
C SER A 174 4.03 -13.24 12.81
N GLU A 175 3.63 -13.92 13.88
CA GLU A 175 2.26 -14.29 14.08
C GLU A 175 1.51 -13.07 14.63
N GLY A 176 0.20 -13.14 14.82
CA GLY A 176 -0.51 -12.00 15.38
C GLY A 176 -1.32 -11.24 14.36
N PHE A 177 -2.17 -10.37 14.89
CA PHE A 177 -3.11 -9.62 14.07
C PHE A 177 -2.46 -8.73 13.03
N ARG A 178 -1.49 -7.90 13.47
CA ARG A 178 -0.92 -6.91 12.56
C ARG A 178 -0.36 -7.59 11.31
N ASN A 179 0.44 -8.62 11.44
CA ASN A 179 1.07 -9.21 10.24
C ASN A 179 0.08 -9.99 9.42
N HIS A 180 -0.98 -10.53 10.01
CA HIS A 180 -2.01 -11.22 9.17
C HIS A 180 -2.86 -10.20 8.46
N LEU A 181 -3.14 -9.05 9.08
CA LEU A 181 -3.85 -8.00 8.34
C LEU A 181 -2.92 -7.42 7.27
N GLU A 182 -1.67 -7.13 7.62
CA GLU A 182 -0.75 -6.64 6.58
C GLU A 182 -0.63 -7.62 5.45
N GLY A 183 -0.47 -8.91 5.78
CA GLY A 183 -0.64 -9.95 4.77
C GLY A 183 0.57 -10.80 4.51
N TRP A 184 1.71 -10.54 5.18
CA TRP A 184 2.90 -11.35 4.96
C TRP A 184 2.72 -12.78 5.47
N ARG A 185 1.82 -13.03 6.36
CA ARG A 185 1.54 -14.41 6.79
C ARG A 185 0.05 -14.64 6.72
N GLY A 186 -0.30 -15.86 6.35
CA GLY A 186 -1.71 -16.23 6.41
C GLY A 186 -2.40 -15.98 5.10
N VAL A 187 -3.71 -15.90 5.16
CA VAL A 187 -4.55 -15.87 3.97
C VAL A 187 -4.45 -14.54 3.25
N ASN A 188 -3.87 -13.52 3.84
CA ASN A 188 -3.34 -12.31 3.19
C ASN A 188 -4.43 -11.31 2.82
N LEU A 189 -4.54 -10.24 3.59
CA LEU A 189 -5.52 -9.20 3.38
C LEU A 189 -4.88 -8.01 2.65
N HIS A 190 -4.14 -7.16 3.36
CA HIS A 190 -3.73 -5.88 2.73
C HIS A 190 -2.79 -6.05 1.55
N ASN A 191 -1.80 -6.96 1.66
CA ASN A 191 -0.86 -7.01 0.53
C ASN A 191 -1.57 -7.54 -0.72
N ARG A 192 -2.45 -8.50 -0.53
CA ARG A 192 -3.14 -9.08 -1.69
C ARG A 192 -3.98 -8.04 -2.42
N VAL A 193 -4.59 -7.08 -1.71
CA VAL A 193 -5.39 -6.05 -2.39
C VAL A 193 -4.50 -5.19 -3.27
N HIS A 194 -3.30 -4.79 -2.76
CA HIS A 194 -2.37 -4.09 -3.65
C HIS A 194 -2.06 -4.89 -4.91
N VAL A 195 -1.80 -6.19 -4.77
CA VAL A 195 -1.47 -7.06 -5.92
C VAL A 195 -2.66 -7.12 -6.85
N TRP A 196 -3.87 -7.21 -6.30
CA TRP A 196 -5.09 -7.35 -7.11
C TRP A 196 -5.36 -6.13 -7.97
N VAL A 197 -5.11 -4.92 -7.40
CA VAL A 197 -5.31 -3.76 -8.25
C VAL A 197 -4.29 -3.72 -9.39
N GLY A 198 -3.04 -4.07 -9.10
CA GLY A 198 -1.97 -4.05 -10.07
C GLY A 198 -1.58 -2.62 -10.39
N GLY A 199 -0.90 -2.38 -11.50
CA GLY A 199 -0.41 -1.08 -11.86
C GLY A 199 0.41 -0.45 -10.76
N GLN A 200 0.35 0.87 -10.61
CA GLN A 200 1.20 1.49 -9.57
C GLN A 200 0.85 0.99 -8.18
N MET A 201 -0.41 0.61 -7.93
CA MET A 201 -0.81 0.11 -6.62
C MET A 201 -0.03 -1.11 -6.18
N ALA A 202 0.63 -1.82 -7.10
CA ALA A 202 1.44 -2.99 -6.72
C ALA A 202 2.88 -2.63 -6.40
N THR A 203 3.26 -1.35 -6.46
CA THR A 203 4.63 -0.92 -6.39
C THR A 203 4.90 -0.04 -5.17
N GLY A 204 6.18 0.32 -4.95
CA GLY A 204 6.49 1.22 -3.84
C GLY A 204 5.91 2.60 -4.02
N VAL A 205 5.45 2.96 -5.21
CA VAL A 205 4.79 4.27 -5.43
C VAL A 205 3.28 4.10 -5.54
N SER A 206 2.73 3.20 -4.70
CA SER A 206 1.31 2.86 -4.74
C SER A 206 0.37 4.02 -4.45
N PRO A 207 0.66 5.05 -3.67
CA PRO A 207 -0.29 6.19 -3.57
C PRO A 207 -0.51 6.91 -4.88
N ASN A 208 0.20 6.58 -5.96
CA ASN A 208 -0.13 7.19 -7.25
C ASN A 208 -1.55 6.88 -7.64
N ASP A 209 -2.13 5.78 -7.17
CA ASP A 209 -3.53 5.49 -7.49
C ASP A 209 -4.39 6.02 -6.36
N PRO A 210 -5.35 6.89 -6.62
CA PRO A 210 -6.22 7.35 -5.52
C PRO A 210 -6.87 6.21 -4.77
N VAL A 211 -7.05 5.02 -5.35
CA VAL A 211 -7.63 3.93 -4.55
C VAL A 211 -6.76 3.59 -3.34
N PHE A 212 -5.48 3.98 -3.34
CA PHE A 212 -4.62 3.70 -2.18
C PHE A 212 -5.28 4.11 -0.88
N TRP A 213 -5.85 5.32 -0.91
CA TRP A 213 -6.40 5.94 0.32
C TRP A 213 -7.61 5.15 0.79
N LEU A 214 -8.40 4.67 -0.17
CA LEU A 214 -9.67 4.01 0.19
C LEU A 214 -9.35 2.61 0.69
N HIS A 215 -8.34 1.95 0.10
CA HIS A 215 -7.84 0.70 0.60
C HIS A 215 -7.37 0.88 2.04
N HIS A 216 -6.43 1.83 2.23
CA HIS A 216 -5.89 1.94 3.60
C HIS A 216 -6.95 2.45 4.58
N ALA A 217 -7.96 3.18 4.13
CA ALA A 217 -9.01 3.60 5.08
C ALA A 217 -9.81 2.41 5.52
N TYR A 218 -9.96 1.39 4.69
CA TYR A 218 -10.64 0.16 5.15
C TYR A 218 -9.71 -0.68 6.00
N VAL A 219 -8.42 -0.82 5.70
CA VAL A 219 -7.47 -1.48 6.63
C VAL A 219 -7.52 -0.84 8.00
N ASP A 220 -7.60 0.49 8.01
CA ASP A 220 -7.65 1.29 9.24
C ASP A 220 -8.95 1.02 9.99
N LYS A 221 -10.09 0.89 9.29
CA LYS A 221 -11.34 0.44 9.90
C LYS A 221 -11.24 -0.96 10.49
N LEU A 222 -10.56 -1.88 9.80
CA LEU A 222 -10.39 -3.23 10.38
C LEU A 222 -9.60 -3.16 11.67
N TRP A 223 -8.58 -2.29 11.79
CA TRP A 223 -7.91 -2.14 13.09
C TRP A 223 -8.93 -1.71 14.14
N ALA A 224 -9.80 -0.73 13.85
CA ALA A 224 -10.82 -0.31 14.81
C ALA A 224 -11.82 -1.42 15.16
N GLU A 225 -12.18 -2.26 14.21
CA GLU A 225 -13.02 -3.45 14.48
C GLU A 225 -12.32 -4.46 15.38
N TRP A 226 -11.02 -4.70 15.10
CA TRP A 226 -10.24 -5.59 15.94
C TRP A 226 -10.23 -5.10 17.37
N GLN A 227 -10.04 -3.78 17.54
CA GLN A 227 -10.07 -3.26 18.92
C GLN A 227 -11.38 -3.47 19.65
N ARG A 228 -12.50 -3.33 18.97
CA ARG A 228 -13.81 -3.62 19.55
C ARG A 228 -13.96 -5.11 19.81
N ARG A 229 -13.31 -5.97 19.03
CA ARG A 229 -13.42 -7.41 19.30
C ARG A 229 -12.54 -7.84 20.46
N HIS A 230 -11.48 -7.09 20.71
CA HIS A 230 -10.45 -7.44 21.69
C HIS A 230 -10.14 -6.27 22.61
N PRO A 231 -11.07 -5.84 23.47
CA PRO A 231 -10.79 -4.68 24.36
C PRO A 231 -9.65 -4.97 25.33
N ASP A 232 -9.26 -6.22 25.59
CA ASP A 232 -8.19 -6.63 26.47
C ASP A 232 -6.81 -6.70 25.83
N SER A 233 -6.70 -6.36 24.55
CA SER A 233 -5.46 -6.33 23.79
C SER A 233 -5.17 -4.90 23.37
N ALA A 234 -3.88 -4.60 23.32
CA ALA A 234 -3.43 -3.27 22.87
C ALA A 234 -2.12 -3.41 22.13
N TYR A 235 -1.69 -2.30 21.55
CA TYR A 235 -0.46 -2.20 20.83
C TYR A 235 0.71 -2.76 21.66
N VAL A 236 1.52 -3.53 20.98
CA VAL A 236 2.80 -3.95 21.50
C VAL A 236 3.84 -3.78 20.40
N PRO A 237 5.13 -3.65 20.69
CA PRO A 237 5.69 -3.73 22.03
C PRO A 237 5.52 -2.44 22.83
N THR A 238 5.76 -2.59 24.14
CA THR A 238 5.60 -1.48 25.08
C THR A 238 6.90 -1.12 25.79
N GLY A 239 7.98 -1.07 25.02
CA GLY A 239 9.16 -0.37 25.47
C GLY A 239 10.40 -1.21 25.29
N GLY A 240 11.47 -0.51 24.89
CA GLY A 240 12.79 -1.10 24.85
C GLY A 240 13.03 -2.00 23.70
N THR A 241 12.35 -1.82 22.56
CA THR A 241 12.58 -2.74 21.44
C THR A 241 13.46 -2.11 20.36
N PRO A 242 14.67 -2.61 20.10
CA PRO A 242 15.48 -1.98 19.05
C PRO A 242 14.78 -2.04 17.69
N ASP A 243 14.92 -1.02 16.88
CA ASP A 243 14.49 -1.00 15.49
C ASP A 243 12.98 -0.88 15.27
N VAL A 244 12.19 -1.00 16.33
CA VAL A 244 10.74 -1.07 16.21
C VAL A 244 10.14 0.07 17.00
N VAL A 245 9.05 0.68 16.61
CA VAL A 245 8.42 1.75 17.38
C VAL A 245 7.59 1.18 18.50
N ASP A 246 8.08 1.39 19.74
CA ASP A 246 7.31 1.00 20.91
C ASP A 246 6.10 1.94 21.10
N LEU A 247 5.15 1.50 21.89
CA LEU A 247 3.92 2.26 22.16
C LEU A 247 4.13 3.75 22.42
N ASN A 248 5.10 4.08 23.28
CA ASN A 248 5.26 5.52 23.64
C ASN A 248 6.43 6.16 22.92
N GLU A 249 7.00 5.54 21.88
CA GLU A 249 8.06 6.19 21.08
C GLU A 249 7.44 6.97 19.92
N THR A 250 8.13 8.00 19.47
CA THR A 250 7.59 8.73 18.31
C THR A 250 8.00 8.07 17.01
N MET A 251 7.21 8.39 15.97
CA MET A 251 7.36 7.85 14.66
C MET A 251 7.86 8.90 13.67
N LYS A 252 8.79 8.53 12.80
CA LYS A 252 9.16 9.25 11.61
C LYS A 252 8.05 9.14 10.59
N PRO A 253 7.82 10.11 9.71
CA PRO A 253 8.60 11.35 9.59
C PRO A 253 8.20 12.47 10.52
N TRP A 254 7.03 12.35 11.18
CA TRP A 254 6.53 13.48 11.97
C TRP A 254 7.36 13.75 13.18
N ASN A 255 7.87 12.72 13.82
CA ASN A 255 8.62 12.81 15.07
C ASN A 255 7.85 13.27 16.29
N THR A 256 6.67 13.81 16.19
CA THR A 256 5.97 14.37 17.33
C THR A 256 4.76 13.57 17.72
N VAL A 257 4.56 12.36 17.19
CA VAL A 257 3.38 11.57 17.53
C VAL A 257 3.83 10.13 17.78
N ARG A 258 3.15 9.47 18.70
CA ARG A 258 3.50 8.09 19.07
C ARG A 258 2.36 7.15 18.70
N PRO A 259 2.58 5.87 18.57
CA PRO A 259 1.40 4.97 18.43
C PRO A 259 0.34 5.24 19.49
N ALA A 260 0.76 5.52 20.74
CA ALA A 260 -0.20 5.78 21.81
C ALA A 260 -1.17 6.91 21.47
N ASP A 261 -0.73 7.88 20.65
CA ASP A 261 -1.60 9.00 20.32
C ASP A 261 -2.58 8.66 19.22
N LEU A 262 -2.43 7.50 18.61
CA LEU A 262 -3.24 7.18 17.43
C LEU A 262 -4.12 5.97 17.65
N LEU A 263 -4.09 5.35 18.82
CA LEU A 263 -4.87 4.13 19.02
C LEU A 263 -6.36 4.40 18.96
N ASP A 264 -6.81 5.55 19.48
CA ASP A 264 -8.26 5.80 19.48
C ASP A 264 -8.61 6.69 18.31
N HIS A 265 -9.22 6.09 17.27
CA HIS A 265 -9.50 6.91 16.09
C HIS A 265 -10.52 7.99 16.40
N THR A 266 -11.39 7.82 17.41
CA THR A 266 -12.53 8.71 17.59
C THR A 266 -12.11 10.12 17.99
N ALA A 267 -10.82 10.25 18.34
CA ALA A 267 -10.22 11.56 18.56
C ALA A 267 -10.19 12.38 17.26
N TYR A 268 -10.24 11.65 16.14
CA TYR A 268 -10.05 12.29 14.83
C TYR A 268 -11.20 12.14 13.86
N TYR A 269 -11.88 10.99 13.91
CA TYR A 269 -12.99 10.73 13.00
C TYR A 269 -13.80 9.56 13.56
N THR A 270 -15.03 9.37 13.07
CA THR A 270 -15.75 8.14 13.32
C THR A 270 -16.08 7.51 11.97
N PHE A 271 -16.60 6.30 12.01
CA PHE A 271 -17.06 5.61 10.80
C PHE A 271 -18.56 5.71 10.70
N ASP A 272 -19.06 5.58 9.48
CA ASP A 272 -20.50 5.50 9.29
C ASP A 272 -21.11 4.41 10.15
N ALA A 273 -20.47 3.26 10.25
CA ALA A 273 -20.89 2.22 11.18
C ALA A 273 -19.66 1.42 11.59
N LEU A 274 -19.59 1.13 12.89
CA LEU A 274 -18.59 0.34 13.56
C LEU A 274 -19.22 -0.48 14.69
N GLU A 275 -19.20 -1.78 14.42
CA GLU A 275 -19.66 -2.86 15.27
C GLU A 275 -19.36 -2.58 16.74
N HIS A 276 -20.24 -2.91 17.69
CA HIS A 276 -19.71 -2.76 19.06
C HIS A 276 -19.08 -4.09 19.48
N HIS A 277 -18.47 -4.06 20.67
CA HIS A 277 -17.78 -5.23 21.19
C HIS A 277 -18.86 -6.24 21.63
N PRO B 39 22.52 -17.76 6.36
CA PRO B 39 22.43 -16.35 5.99
C PRO B 39 23.34 -16.00 4.83
N ALA B 40 24.05 -16.89 4.14
CA ALA B 40 24.79 -16.40 2.96
C ALA B 40 23.81 -16.07 1.81
N ALA B 41 24.30 -15.15 0.97
CA ALA B 41 23.44 -14.51 0.00
C ALA B 41 23.21 -15.49 -1.12
N PRO B 42 22.14 -15.28 -1.87
CA PRO B 42 21.93 -16.11 -3.05
C PRO B 42 23.11 -15.99 -4.02
N GLU B 43 23.21 -16.93 -4.93
CA GLU B 43 24.20 -16.90 -6.01
C GLU B 43 23.87 -15.77 -6.97
N SER B 44 24.89 -15.33 -7.68
CA SER B 44 24.67 -14.37 -8.74
C SER B 44 23.95 -15.02 -9.90
N PHE B 45 23.39 -14.20 -10.79
CA PHE B 45 22.81 -14.70 -12.01
C PHE B 45 22.92 -13.71 -13.14
N ASP B 46 22.79 -14.16 -14.36
CA ASP B 46 22.80 -13.27 -15.52
C ASP B 46 22.07 -14.00 -16.64
N GLU B 47 21.00 -13.44 -17.17
CA GLU B 47 20.28 -14.05 -18.27
C GLU B 47 19.51 -12.97 -19.03
N VAL B 48 19.09 -13.32 -20.23
CA VAL B 48 18.18 -12.50 -21.01
C VAL B 48 16.78 -13.08 -20.77
N TYR B 49 15.89 -12.26 -20.24
CA TYR B 49 14.52 -12.70 -19.91
C TYR B 49 13.56 -11.78 -20.63
N LYS B 50 12.73 -12.33 -21.49
CA LYS B 50 11.80 -11.54 -22.31
C LYS B 50 12.51 -10.38 -22.99
N GLY B 51 13.66 -10.65 -23.60
CA GLY B 51 14.37 -9.60 -24.33
C GLY B 51 15.24 -8.67 -23.54
N ARG B 52 15.28 -8.79 -22.22
CA ARG B 52 16.01 -7.82 -21.40
C ARG B 52 17.04 -8.50 -20.54
N ARG B 53 18.16 -7.84 -20.34
CA ARG B 53 19.19 -8.49 -19.49
C ARG B 53 18.93 -8.27 -18.02
N ILE B 54 18.87 -9.36 -17.28
CA ILE B 54 18.70 -9.24 -15.85
C ILE B 54 19.92 -9.84 -15.16
N GLN B 55 20.46 -9.12 -14.19
CA GLN B 55 21.64 -9.53 -13.47
C GLN B 55 21.39 -9.42 -11.97
N GLY B 56 21.94 -10.35 -11.21
CA GLY B 56 21.87 -10.26 -9.76
C GLY B 56 23.21 -10.59 -9.18
N ARG B 57 23.56 -9.95 -8.07
CA ARG B 57 24.83 -10.33 -7.44
C ARG B 57 24.80 -9.99 -5.95
N PRO B 58 25.55 -10.71 -5.12
CA PRO B 58 25.64 -10.30 -3.72
C PRO B 58 26.43 -9.00 -3.62
N ALA B 59 26.14 -8.21 -2.61
CA ALA B 59 26.73 -6.85 -2.61
C ALA B 59 27.98 -6.69 -1.75
N GLY B 71 21.91 -6.29 0.84
CA GLY B 71 22.96 -7.30 0.69
C GLY B 71 23.00 -7.94 -0.68
N TYR B 72 22.11 -7.51 -1.57
CA TYR B 72 22.03 -8.11 -2.91
C TYR B 72 21.59 -7.08 -3.91
N GLU B 73 22.17 -7.04 -5.10
CA GLU B 73 21.83 -6.06 -6.12
C GLU B 73 21.29 -6.73 -7.37
N VAL B 74 20.29 -6.07 -7.96
CA VAL B 74 19.68 -6.57 -9.21
C VAL B 74 19.72 -5.46 -10.23
N PHE B 75 19.94 -5.74 -11.49
CA PHE B 75 19.93 -4.77 -12.56
C PHE B 75 19.06 -5.29 -13.70
N VAL B 76 18.31 -4.37 -14.31
CA VAL B 76 17.57 -4.65 -15.53
C VAL B 76 18.11 -3.74 -16.62
N ASP B 77 18.71 -4.34 -17.64
CA ASP B 77 19.42 -3.60 -18.69
C ASP B 77 20.41 -2.59 -18.14
N GLY B 78 21.09 -2.96 -17.05
CA GLY B 78 22.13 -2.12 -16.47
C GLY B 78 21.60 -1.07 -15.52
N VAL B 79 20.31 -1.00 -15.25
CA VAL B 79 19.74 -0.04 -14.32
C VAL B 79 19.42 -0.77 -13.03
N GLN B 80 19.90 -0.27 -11.90
CA GLN B 80 19.69 -1.00 -10.67
C GLN B 80 18.22 -0.95 -10.29
N LEU B 81 17.72 -2.08 -9.84
CA LEU B 81 16.36 -2.30 -9.36
C LEU B 81 16.37 -2.57 -7.85
N HIS B 82 15.68 -1.78 -7.08
CA HIS B 82 15.66 -1.97 -5.64
C HIS B 82 14.97 -3.29 -5.36
N VAL B 83 15.63 -4.13 -4.61
CA VAL B 83 15.05 -5.37 -4.14
C VAL B 83 15.28 -5.48 -2.63
N MET B 84 14.42 -6.31 -1.99
CA MET B 84 14.55 -6.55 -0.57
C MET B 84 14.23 -8.00 -0.27
N ARG B 85 14.90 -8.52 0.74
CA ARG B 85 14.67 -9.86 1.24
C ARG B 85 13.78 -9.81 2.47
N ASN B 86 12.79 -10.69 2.54
CA ASN B 86 11.96 -10.88 3.70
C ASN B 86 12.61 -11.90 4.66
N ALA B 87 12.21 -11.81 5.92
CA ALA B 87 12.68 -12.76 6.93
C ALA B 87 12.56 -14.21 6.53
N ASP B 88 11.52 -14.61 5.80
CA ASP B 88 11.35 -16.01 5.43
C ASP B 88 12.16 -16.39 4.19
N GLY B 89 12.97 -15.49 3.67
CA GLY B 89 13.84 -15.82 2.55
C GLY B 89 13.24 -15.46 1.20
N SER B 90 12.01 -15.02 1.17
CA SER B 90 11.45 -14.55 -0.08
C SER B 90 11.93 -13.13 -0.38
N TRP B 91 11.66 -12.70 -1.59
CA TRP B 91 12.11 -11.42 -2.15
C TRP B 91 10.97 -10.60 -2.73
N ILE B 92 11.16 -9.31 -2.77
CA ILE B 92 10.25 -8.41 -3.50
C ILE B 92 11.10 -7.36 -4.19
N SER B 93 10.49 -6.59 -5.09
CA SER B 93 11.23 -5.48 -5.68
C SER B 93 10.36 -4.22 -5.55
N VAL B 94 10.88 -3.05 -5.84
CA VAL B 94 10.06 -1.85 -5.75
C VAL B 94 8.93 -1.85 -6.76
N VAL B 95 9.00 -2.69 -7.81
CA VAL B 95 7.85 -2.67 -8.71
C VAL B 95 6.90 -3.86 -8.46
N SER B 96 7.19 -4.59 -7.36
CA SER B 96 6.33 -5.67 -6.90
C SER B 96 6.46 -5.83 -5.40
N HIS B 97 6.27 -4.78 -4.63
CA HIS B 97 6.69 -4.67 -3.25
C HIS B 97 5.69 -5.29 -2.28
N DAH B 98 4.55 -5.82 -2.76
CA DAH B 98 3.62 -6.46 -1.85
C DAH B 98 3.43 -7.95 -2.19
O DAH B 98 2.46 -8.60 -1.80
CB DAH B 98 2.24 -5.77 -1.86
CG DAH B 98 2.31 -4.28 -1.57
CD1 DAH B 98 2.47 -3.40 -2.64
CD2 DAH B 98 2.23 -3.76 -0.30
CE1 DAH B 98 2.54 -2.03 -2.44
CE2 DAH B 98 2.31 -2.39 -0.09
CZ DAH B 98 2.47 -1.52 -1.15
OE2 DAH B 98 2.26 -1.59 1.06
OH DAH B 98 2.52 -0.18 -0.88
N ASP B 99 4.36 -8.51 -2.94
CA ASP B 99 4.17 -9.77 -3.65
C ASP B 99 5.39 -10.68 -3.56
N PRO B 100 5.59 -11.37 -2.44
CA PRO B 100 6.82 -12.13 -2.26
C PRO B 100 6.98 -13.25 -3.28
N VAL B 101 8.21 -13.41 -3.75
CA VAL B 101 8.60 -14.45 -4.70
C VAL B 101 9.85 -15.13 -4.16
N PRO B 102 10.17 -16.35 -4.56
CA PRO B 102 11.16 -17.08 -3.77
C PRO B 102 12.61 -16.61 -3.87
N THR B 103 13.00 -15.95 -4.94
CA THR B 103 14.42 -15.70 -5.21
C THR B 103 14.62 -14.35 -5.82
N PRO B 104 15.85 -13.80 -5.81
CA PRO B 104 16.10 -12.52 -6.50
C PRO B 104 15.91 -12.61 -8.01
N ARG B 105 16.27 -13.75 -8.62
CA ARG B 105 15.96 -13.85 -10.06
C ARG B 105 14.47 -13.79 -10.29
N ALA B 106 13.67 -14.44 -9.42
CA ALA B 106 12.22 -14.36 -9.61
C ALA B 106 11.70 -12.93 -9.45
N ALA B 107 12.30 -12.14 -8.56
CA ALA B 107 11.92 -10.74 -8.41
C ALA B 107 12.35 -9.95 -9.63
N ALA B 108 13.52 -10.21 -10.19
CA ALA B 108 13.94 -9.53 -11.45
C ALA B 108 13.01 -9.87 -12.60
N ARG B 109 12.67 -11.16 -12.73
CA ARG B 109 11.73 -11.56 -13.80
C ARG B 109 10.35 -10.91 -13.58
N ALA B 110 9.91 -10.84 -12.32
CA ALA B 110 8.61 -10.18 -12.05
C ALA B 110 8.67 -8.72 -12.47
N ALA B 111 9.84 -8.07 -12.28
CA ALA B 111 9.98 -6.67 -12.67
C ALA B 111 9.91 -6.55 -14.18
N VAL B 112 10.55 -7.41 -14.91
CA VAL B 112 10.50 -7.33 -16.37
C VAL B 112 9.08 -7.53 -16.82
N ASP B 113 8.35 -8.46 -16.16
CA ASP B 113 6.94 -8.66 -16.52
C ASP B 113 6.16 -7.37 -16.29
N GLU B 114 6.39 -6.74 -15.12
CA GLU B 114 5.67 -5.53 -14.73
C GLU B 114 5.92 -4.40 -15.71
N LEU B 115 7.17 -4.28 -16.17
CA LEU B 115 7.60 -3.14 -16.98
C LEU B 115 7.05 -3.12 -18.39
N GLN B 116 6.70 -4.29 -18.93
CA GLN B 116 6.10 -4.35 -20.27
C GLN B 116 6.93 -3.56 -21.27
N GLY B 117 8.24 -3.73 -21.20
CA GLY B 117 9.19 -3.04 -22.05
C GLY B 117 9.75 -1.71 -21.62
N ALA B 118 9.20 -1.10 -20.60
CA ALA B 118 9.60 0.22 -20.17
C ALA B 118 10.97 0.24 -19.54
N PRO B 119 11.77 1.23 -19.91
CA PRO B 119 13.02 1.45 -19.17
C PRO B 119 12.75 1.66 -17.69
N LEU B 120 13.61 1.04 -16.93
CA LEU B 120 13.61 1.31 -15.49
C LEU B 120 14.22 2.67 -15.25
N LEU B 121 13.68 3.43 -14.29
CA LEU B 121 14.35 4.65 -13.92
C LEU B 121 15.30 4.38 -12.75
N PRO B 122 16.49 4.96 -12.79
CA PRO B 122 17.37 4.83 -11.60
C PRO B 122 16.61 5.21 -10.34
N PHE B 123 17.04 4.49 -9.30
CA PHE B 123 16.42 4.65 -7.98
C PHE B 123 17.33 5.50 -7.08
CU CU C . 2.30 2.18 3.16
CU CU C . 2.19 1.27 2.55
CU CU C . 2.73 0.41 1.04
CU CU D . -1.18 -0.48 1.29
CU CU D . -0.27 -0.60 1.79
CU CU E . -16.17 -8.56 26.37
O1 PER F . 1.27 0.11 2.25
O2 PER F . 0.91 0.41 0.87
N NO3 G . 6.04 2.72 -10.83
O1 NO3 G . 5.00 2.09 -10.74
O2 NO3 G . 7.03 2.15 -10.39
O3 NO3 G . 6.20 3.82 -11.33
N NO3 H . -4.26 -1.06 19.71
O1 NO3 H . -4.00 -0.75 20.87
O2 NO3 H . -3.40 -1.31 18.90
O3 NO3 H . -5.38 -1.15 19.27
N NO3 I . 6.15 2.13 26.06
O1 NO3 I . 5.13 1.49 26.28
O2 NO3 I . 6.69 2.20 24.95
O3 NO3 I . 6.62 2.68 27.04
N NO3 J . -16.76 4.91 15.73
O1 NO3 J . -16.07 4.69 16.70
O2 NO3 J . -17.96 4.90 15.91
O3 NO3 J . -16.33 5.12 14.61
CU CU K . 12.08 -2.47 -0.43
N NO3 L . 14.25 -18.24 -10.38
O1 NO3 L . 15.10 -18.30 -9.53
O2 NO3 L . 14.38 -18.55 -11.55
O3 NO3 L . 13.14 -17.85 -10.07
#